data_7XVA
#
_entry.id   7XVA
#
_cell.length_a   76.851
_cell.length_b   76.851
_cell.length_c   98.365
_cell.angle_alpha   90.000
_cell.angle_beta   90.000
_cell.angle_gamma   90.000
#
_symmetry.space_group_name_H-M   'P 43 2 2'
#
loop_
_entity.id
_entity.type
_entity.pdbx_description
1 polymer 'Nuclear receptor subfamily 2 group C member 2'
2 polymer 'Juxtaposed with another zinc finger protein 1'
3 water water
#
loop_
_entity_poly.entity_id
_entity_poly.type
_entity_poly.pdbx_seq_one_letter_code
_entity_poly.pdbx_strand_id
1 'polypeptide(L)'
;GSIHVISRDQSTPIIEVEGPLLSDTHVTFKLTMPSPMPEYLNVHYICESASRLLFLSMHWARSIPAFQALGQDCNTSLVR
ACWNELFTLGLAQCAQVMSLSTILAAIVNHLQNSIQEDKLSGDRIKQVMEHIWKLQEFCNSMAKLDIDGYEYAYLKAIVL
FSPDHPGLTSTSQIEKFQEKAQMELQDYVQKTYSEDTYRLARILVRLPALRLMSSNITEELFFTGLIGNVSIDSIIPYIL
KMETAEYNGQITGASL
;
A
2 'polypeptide(L)' QQPTYVALSYINRFMTDAARREQES B
#
# COMPACT_ATOMS: atom_id res chain seq x y z
N GLU A 18 -25.43 1.05 9.07
CA GLU A 18 -25.96 2.30 9.68
C GLU A 18 -24.79 3.20 10.13
N GLY A 19 -23.90 2.67 10.97
CA GLY A 19 -22.71 3.38 11.47
C GLY A 19 -21.61 3.47 10.42
N PRO A 20 -20.67 4.44 10.59
CA PRO A 20 -19.66 4.71 9.58
C PRO A 20 -18.54 3.65 9.57
N LEU A 21 -17.94 3.40 8.42
CA LEU A 21 -16.78 2.48 8.31
C LEU A 21 -15.52 3.19 8.81
N LEU A 22 -15.25 4.38 8.30
CA LEU A 22 -14.00 5.13 8.62
C LEU A 22 -14.36 6.35 9.45
N SER A 23 -13.38 6.86 10.17
CA SER A 23 -13.45 8.13 10.92
C SER A 23 -12.35 9.04 10.42
N ASP A 24 -12.32 10.28 10.90
CA ASP A 24 -11.29 11.28 10.53
C ASP A 24 -9.91 10.72 10.91
N THR A 25 -9.85 9.83 11.91
CA THR A 25 -8.58 9.19 12.35
C THR A 25 -7.96 8.45 11.18
N HIS A 26 -8.74 7.93 10.26
CA HIS A 26 -8.22 7.11 9.12
C HIS A 26 -7.56 7.96 8.02
N VAL A 27 -7.53 9.29 8.12
CA VAL A 27 -6.97 10.14 7.04
C VAL A 27 -5.45 10.15 7.15
N THR A 28 -4.93 10.10 8.37
CA THR A 28 -3.48 10.16 8.67
C THR A 28 -2.76 8.99 8.02
N PHE A 29 -1.75 9.30 7.21
CA PHE A 29 -0.96 8.28 6.48
C PHE A 29 0.43 8.89 6.32
N LYS A 30 1.28 8.78 7.32
CA LYS A 30 2.57 9.53 7.38
C LYS A 30 3.72 8.55 7.20
N LEU A 31 4.34 8.55 6.04
CA LEU A 31 5.52 7.69 5.73
C LEU A 31 6.80 8.44 6.12
N THR A 32 7.66 7.83 6.91
CA THR A 32 8.98 8.37 7.26
C THR A 32 10.02 7.69 6.38
N MET A 33 10.63 8.44 5.47
CA MET A 33 11.71 7.93 4.60
C MET A 33 12.97 7.72 5.44
N PRO A 34 13.83 6.75 5.08
CA PRO A 34 14.99 6.44 5.91
C PRO A 34 16.06 7.54 5.98
N SER A 35 16.11 8.40 4.99
CA SER A 35 17.13 9.49 4.86
C SER A 35 16.84 10.22 3.57
N PRO A 36 17.61 11.28 3.20
CA PRO A 36 17.47 11.88 1.87
C PRO A 36 17.99 10.87 0.83
N MET A 37 17.68 11.12 -0.43
CA MET A 37 18.01 10.22 -1.55
C MET A 37 19.53 9.98 -1.52
N PRO A 38 20.01 8.72 -1.53
CA PRO A 38 21.43 8.46 -1.72
C PRO A 38 21.91 9.02 -3.07
N GLU A 39 23.22 9.30 -3.14
CA GLU A 39 23.91 9.87 -4.33
C GLU A 39 23.77 8.88 -5.50
N TYR A 40 23.96 7.61 -5.21
CA TYR A 40 24.03 6.52 -6.22
C TYR A 40 22.94 5.51 -5.89
N LEU A 41 22.53 4.75 -6.92
CA LEU A 41 21.61 3.60 -6.82
C LEU A 41 21.90 2.85 -5.53
N ASN A 42 20.90 2.73 -4.67
CA ASN A 42 21.01 1.91 -3.44
C ASN A 42 19.69 1.15 -3.35
N VAL A 43 19.74 -0.16 -3.70
CA VAL A 43 18.63 -1.15 -3.67
C VAL A 43 18.10 -1.27 -2.24
N HIS A 44 18.98 -1.20 -1.25
CA HIS A 44 18.57 -1.35 0.17
C HIS A 44 17.69 -0.16 0.55
N TYR A 45 18.07 1.03 0.14
CA TYR A 45 17.27 2.24 0.43
C TYR A 45 15.88 2.13 -0.21
N ILE A 46 15.84 1.65 -1.45
CA ILE A 46 14.56 1.51 -2.18
C ILE A 46 13.69 0.50 -1.43
N CYS A 47 14.23 -0.67 -1.10
CA CYS A 47 13.47 -1.73 -0.44
C CYS A 47 13.05 -1.32 0.97
N GLU A 48 13.93 -0.63 1.70
CA GLU A 48 13.58 -0.15 3.05
C GLU A 48 12.37 0.79 2.95
N SER A 49 12.37 1.69 1.98
CA SER A 49 11.31 2.69 1.77
C SER A 49 10.04 1.95 1.35
N ALA A 50 10.14 1.03 0.38
CA ALA A 50 8.97 0.20 -0.03
C ALA A 50 8.43 -0.59 1.17
N SER A 51 9.32 -1.15 2.01
CA SER A 51 8.93 -1.97 3.17
C SER A 51 8.24 -1.10 4.23
N ARG A 52 8.70 0.13 4.44
CA ARG A 52 8.01 1.07 5.36
C ARG A 52 6.59 1.36 4.84
N LEU A 53 6.44 1.54 3.53
CA LEU A 53 5.12 1.84 2.94
C LEU A 53 4.20 0.63 3.09
N LEU A 54 4.75 -0.57 2.89
CA LEU A 54 3.98 -1.84 3.01
C LEU A 54 3.51 -1.97 4.45
N PHE A 55 4.41 -1.77 5.41
CA PHE A 55 4.09 -1.88 6.86
C PHE A 55 3.01 -0.85 7.20
N LEU A 56 3.16 0.39 6.76
CA LEU A 56 2.19 1.47 7.06
C LEU A 56 0.81 1.13 6.46
N SER A 57 0.78 0.61 5.23
CA SER A 57 -0.49 0.26 4.54
C SER A 57 -1.21 -0.79 5.41
N MET A 58 -0.50 -1.81 5.88
CA MET A 58 -1.08 -2.92 6.67
C MET A 58 -1.49 -2.45 8.08
N HIS A 59 -0.68 -1.60 8.71
CA HIS A 59 -0.95 -1.03 10.06
C HIS A 59 -2.15 -0.10 9.93
N TRP A 60 -2.32 0.57 8.80
CA TRP A 60 -3.50 1.42 8.51
C TRP A 60 -4.75 0.52 8.41
N ALA A 61 -4.69 -0.59 7.67
CA ALA A 61 -5.82 -1.52 7.51
C ALA A 61 -6.29 -2.05 8.88
N ARG A 62 -5.32 -2.38 9.76
CA ARG A 62 -5.56 -2.90 11.13
C ARG A 62 -6.27 -1.86 11.98
N SER A 63 -6.16 -0.58 11.65
CA SER A 63 -6.77 0.52 12.43
C SER A 63 -8.30 0.61 12.17
N ILE A 64 -8.84 -0.08 11.18
CA ILE A 64 -10.29 -0.03 10.81
C ILE A 64 -11.05 -1.02 11.68
N PRO A 65 -12.01 -0.53 12.48
CA PRO A 65 -12.81 -1.40 13.35
C PRO A 65 -13.39 -2.61 12.62
N ALA A 66 -13.98 -2.42 11.45
CA ALA A 66 -14.59 -3.52 10.67
C ALA A 66 -13.52 -4.56 10.34
N PHE A 67 -12.32 -4.13 9.95
CA PHE A 67 -11.23 -5.07 9.69
C PHE A 67 -10.92 -5.89 10.95
N GLN A 68 -10.74 -5.25 12.09
CA GLN A 68 -10.43 -5.97 13.33
C GLN A 68 -11.55 -6.95 13.65
N ALA A 69 -12.81 -6.57 13.42
CA ALA A 69 -14.02 -7.36 13.76
C ALA A 69 -14.04 -8.67 12.97
N LEU A 70 -13.49 -8.69 11.76
CA LEU A 70 -13.53 -9.88 10.88
C LEU A 70 -12.73 -11.03 11.48
N GLY A 71 -11.72 -10.75 12.30
CA GLY A 71 -10.85 -11.79 12.91
C GLY A 71 -9.66 -12.12 12.04
N GLN A 72 -8.63 -12.76 12.62
CA GLN A 72 -7.26 -12.83 12.05
C GLN A 72 -7.21 -13.64 10.74
N ASP A 73 -7.92 -14.75 10.68
CA ASP A 73 -7.99 -15.63 9.49
C ASP A 73 -8.51 -14.80 8.31
N CYS A 74 -9.70 -14.21 8.46
CA CYS A 74 -10.34 -13.45 7.37
C CYS A 74 -9.48 -12.23 7.00
N ASN A 75 -8.89 -11.54 7.96
CA ASN A 75 -8.27 -10.22 7.66
C ASN A 75 -6.87 -10.50 7.08
N THR A 76 -6.21 -11.64 7.40
CA THR A 76 -5.00 -12.10 6.66
C THR A 76 -5.34 -12.43 5.21
N SER A 77 -6.45 -13.17 4.96
CA SER A 77 -6.88 -13.54 3.59
C SER A 77 -7.14 -12.28 2.75
N LEU A 78 -7.78 -11.28 3.34
CA LEU A 78 -8.14 -10.01 2.67
C LEU A 78 -6.86 -9.30 2.18
N VAL A 79 -5.87 -9.17 3.07
CA VAL A 79 -4.63 -8.45 2.74
C VAL A 79 -3.83 -9.25 1.72
N ARG A 80 -3.80 -10.57 1.87
CA ARG A 80 -3.11 -11.43 0.90
C ARG A 80 -3.73 -11.22 -0.48
N ALA A 81 -5.03 -10.97 -0.55
CA ALA A 81 -5.73 -10.81 -1.85
C ALA A 81 -5.49 -9.40 -2.43
N CYS A 82 -5.34 -8.33 -1.63
CA CYS A 82 -5.38 -6.96 -2.18
C CYS A 82 -4.11 -6.14 -1.87
N TRP A 83 -3.08 -6.72 -1.25
CA TRP A 83 -1.91 -5.95 -0.74
C TRP A 83 -1.32 -5.10 -1.86
N ASN A 84 -1.24 -5.61 -3.09
CA ASN A 84 -0.60 -4.87 -4.20
C ASN A 84 -1.43 -3.63 -4.53
N GLU A 85 -2.75 -3.74 -4.49
CA GLU A 85 -3.62 -2.56 -4.78
C GLU A 85 -3.45 -1.51 -3.66
N LEU A 86 -3.50 -1.93 -2.40
CA LEU A 86 -3.31 -1.07 -1.20
C LEU A 86 -1.96 -0.39 -1.31
N PHE A 87 -0.93 -1.17 -1.59
CA PHE A 87 0.47 -0.69 -1.70
C PHE A 87 0.60 0.34 -2.82
N THR A 88 -0.01 0.10 -3.98
CA THR A 88 0.04 0.99 -5.15
C THR A 88 -0.72 2.29 -4.88
N LEU A 89 -1.87 2.24 -4.21
CA LEU A 89 -2.54 3.50 -3.82
C LEU A 89 -1.58 4.29 -2.92
N GLY A 90 -0.93 3.62 -1.99
CA GLY A 90 0.07 4.25 -1.11
C GLY A 90 1.25 4.84 -1.89
N LEU A 91 1.76 4.15 -2.92
CA LEU A 91 2.79 4.72 -3.85
C LEU A 91 2.29 6.02 -4.45
N ALA A 92 1.06 6.09 -4.98
CA ALA A 92 0.50 7.31 -5.58
C ALA A 92 0.37 8.40 -4.52
N GLN A 93 -0.18 8.05 -3.35
CA GLN A 93 -0.36 9.03 -2.23
C GLN A 93 1.00 9.60 -1.77
N CYS A 94 2.01 8.79 -1.72
CA CYS A 94 3.33 9.12 -1.10
C CYS A 94 4.40 9.42 -2.16
N ALA A 95 3.99 9.59 -3.42
CA ALA A 95 4.90 9.77 -4.59
C ALA A 95 5.88 10.93 -4.32
N GLN A 96 5.42 12.06 -3.79
CA GLN A 96 6.31 13.23 -3.52
C GLN A 96 7.26 12.90 -2.38
N VAL A 97 6.72 12.45 -1.25
CA VAL A 97 7.51 12.11 -0.03
C VAL A 97 8.63 11.11 -0.36
N MET A 98 8.31 10.11 -1.19
CA MET A 98 9.25 9.03 -1.54
C MET A 98 10.20 9.46 -2.68
N SER A 99 10.00 10.61 -3.31
CA SER A 99 10.73 10.96 -4.56
C SER A 99 10.57 9.79 -5.57
N LEU A 100 9.35 9.29 -5.76
CA LEU A 100 9.13 8.04 -6.50
C LEU A 100 9.68 8.13 -7.93
N SER A 101 9.49 9.26 -8.60
CA SER A 101 10.01 9.54 -9.98
C SER A 101 11.52 9.26 -10.05
N THR A 102 12.28 9.71 -9.04
CA THR A 102 13.75 9.49 -8.95
C THR A 102 14.02 8.00 -8.79
N ILE A 103 13.32 7.32 -7.89
CA ILE A 103 13.48 5.86 -7.64
C ILE A 103 13.17 5.07 -8.92
N LEU A 104 12.07 5.37 -9.62
CA LEU A 104 11.67 4.54 -10.80
C LEU A 104 12.72 4.67 -11.91
N ALA A 105 13.17 5.89 -12.19
CA ALA A 105 14.28 6.21 -13.13
C ALA A 105 15.52 5.35 -12.82
N ALA A 106 15.96 5.28 -11.58
CA ALA A 106 17.13 4.50 -11.15
C ALA A 106 16.92 3.00 -11.43
N ILE A 107 15.70 2.49 -11.21
CA ILE A 107 15.40 1.06 -11.49
C ILE A 107 15.47 0.83 -12.99
N VAL A 108 14.94 1.75 -13.80
CA VAL A 108 14.84 1.57 -15.28
C VAL A 108 16.27 1.42 -15.81
N ASN A 109 17.20 2.15 -15.21
CA ASN A 109 18.61 2.24 -15.66
C ASN A 109 19.38 0.96 -15.26
N HIS A 110 19.29 0.53 -13.99
CA HIS A 110 19.85 -0.77 -13.55
C HIS A 110 19.24 -1.92 -14.37
N LEU A 111 17.97 -1.76 -14.80
CA LEU A 111 17.26 -2.69 -15.71
C LEU A 111 17.90 -2.64 -17.10
N GLN A 112 17.99 -1.45 -17.70
CA GLN A 112 18.23 -1.26 -19.16
C GLN A 112 19.71 -1.45 -19.52
N ASN A 113 20.63 -1.09 -18.62
CA ASN A 113 22.10 -1.27 -18.79
C ASN A 113 22.45 -2.75 -18.66
N SER A 114 22.10 -3.34 -17.50
CA ARG A 124 10.92 -10.74 -19.02
C ARG A 124 11.20 -9.28 -18.62
N ILE A 125 12.26 -8.68 -19.18
CA ILE A 125 12.70 -7.28 -18.92
C ILE A 125 11.56 -6.32 -19.31
N LYS A 126 10.85 -6.63 -20.40
CA LYS A 126 9.87 -5.71 -21.04
C LYS A 126 8.56 -5.72 -20.26
N GLN A 127 8.29 -6.78 -19.50
CA GLN A 127 7.15 -6.86 -18.55
C GLN A 127 7.37 -5.79 -17.49
N VAL A 128 8.55 -5.81 -16.86
CA VAL A 128 8.95 -4.89 -15.75
C VAL A 128 8.84 -3.45 -16.26
N MET A 129 9.24 -3.20 -17.50
CA MET A 129 9.21 -1.85 -18.13
C MET A 129 7.77 -1.37 -18.28
N GLU A 130 6.89 -2.22 -18.82
CA GLU A 130 5.45 -1.89 -18.96
C GLU A 130 4.84 -1.63 -17.58
N HIS A 131 5.20 -2.42 -16.57
CA HIS A 131 4.73 -2.28 -15.17
C HIS A 131 5.14 -0.91 -14.63
N ILE A 132 6.41 -0.55 -14.85
CA ILE A 132 6.96 0.74 -14.37
C ILE A 132 6.19 1.84 -15.07
N TRP A 133 5.90 1.68 -16.36
CA TRP A 133 5.13 2.68 -17.13
C TRP A 133 3.71 2.79 -16.55
N LYS A 134 3.09 1.65 -16.25
CA LYS A 134 1.72 1.67 -15.67
C LYS A 134 1.74 2.41 -14.33
N LEU A 135 2.74 2.11 -13.50
CA LEU A 135 2.87 2.73 -12.15
C LEU A 135 3.06 4.26 -12.29
N GLN A 136 3.93 4.69 -13.22
CA GLN A 136 4.14 6.14 -13.51
C GLN A 136 2.82 6.76 -13.94
N GLU A 137 2.10 6.15 -14.89
CA GLU A 137 0.84 6.73 -15.39
C GLU A 137 -0.21 6.78 -14.27
N PHE A 138 -0.24 5.76 -13.43
CA PHE A 138 -1.21 5.73 -12.31
C PHE A 138 -0.92 6.88 -11.34
N CYS A 139 0.32 6.96 -10.88
CA CYS A 139 0.76 8.03 -9.96
C CYS A 139 0.47 9.41 -10.56
N ASN A 140 0.76 9.64 -11.86
CA ASN A 140 0.45 10.94 -12.52
C ASN A 140 -1.04 11.19 -12.57
N SER A 141 -1.86 10.18 -12.87
CA SER A 141 -3.33 10.34 -12.98
C SER A 141 -3.86 10.78 -11.61
N MET A 142 -3.30 10.28 -10.52
CA MET A 142 -3.83 10.62 -9.17
C MET A 142 -3.42 12.05 -8.82
N ALA A 143 -2.17 12.42 -9.13
CA ALA A 143 -1.63 13.80 -8.89
C ALA A 143 -2.47 14.79 -9.67
N LYS A 144 -2.74 14.52 -10.95
CA LYS A 144 -3.54 15.44 -11.81
C LYS A 144 -4.92 15.68 -11.21
N LEU A 145 -5.51 14.72 -10.50
CA LEU A 145 -6.84 14.88 -9.87
C LEU A 145 -6.73 15.52 -8.48
N ASP A 146 -5.53 15.68 -7.92
CA ASP A 146 -5.32 16.25 -6.56
C ASP A 146 -6.09 15.40 -5.54
N ILE A 147 -6.00 14.08 -5.67
CA ILE A 147 -6.64 13.16 -4.69
C ILE A 147 -6.15 13.54 -3.30
N ASP A 148 -7.06 13.78 -2.36
CA ASP A 148 -6.72 14.22 -0.99
C ASP A 148 -6.67 13.00 -0.05
N GLY A 149 -6.26 13.23 1.20
CA GLY A 149 -6.09 12.19 2.23
C GLY A 149 -7.38 11.44 2.51
N TYR A 150 -8.53 12.13 2.53
CA TYR A 150 -9.84 11.47 2.74
C TYR A 150 -10.15 10.52 1.58
N GLU A 151 -9.97 11.02 0.37
CA GLU A 151 -10.31 10.26 -0.85
C GLU A 151 -9.42 9.01 -0.88
N TYR A 152 -8.14 9.12 -0.58
CA TYR A 152 -7.20 7.96 -0.53
C TYR A 152 -7.63 6.93 0.52
N ALA A 153 -8.00 7.37 1.73
CA ALA A 153 -8.50 6.44 2.76
C ALA A 153 -9.71 5.64 2.26
N TYR A 154 -10.70 6.30 1.68
CA TYR A 154 -11.87 5.61 1.11
C TYR A 154 -11.49 4.71 -0.06
N LEU A 155 -10.65 5.18 -0.98
CA LEU A 155 -10.22 4.30 -2.09
C LEU A 155 -9.56 3.03 -1.56
N LYS A 156 -8.72 3.13 -0.53
CA LYS A 156 -8.06 1.95 0.08
C LYS A 156 -9.12 1.04 0.69
N ALA A 157 -10.11 1.61 1.36
CA ALA A 157 -11.16 0.80 2.01
C ALA A 157 -11.93 0.07 0.92
N ILE A 158 -12.21 0.73 -0.22
CA ILE A 158 -12.95 0.07 -1.34
C ILE A 158 -12.13 -1.11 -1.87
N VAL A 159 -10.82 -0.98 -2.02
CA VAL A 159 -10.00 -2.14 -2.53
C VAL A 159 -9.85 -3.22 -1.47
N LEU A 160 -9.76 -2.86 -0.19
CA LEU A 160 -9.54 -3.78 0.94
C LEU A 160 -10.75 -4.69 1.07
N PHE A 161 -11.96 -4.12 1.00
CA PHE A 161 -13.21 -4.87 1.22
C PHE A 161 -13.81 -5.30 -0.12
N SER A 162 -13.01 -5.63 -1.12
CA SER A 162 -13.51 -6.11 -2.43
C SER A 162 -14.01 -7.54 -2.24
N PRO A 163 -15.26 -7.85 -2.64
CA PRO A 163 -15.78 -9.23 -2.53
C PRO A 163 -15.42 -10.07 -3.76
N ASP A 164 -14.59 -9.55 -4.68
CA ASP A 164 -14.32 -10.18 -5.99
C ASP A 164 -13.33 -11.34 -5.83
N HIS A 165 -12.59 -11.44 -4.74
CA HIS A 165 -11.42 -12.36 -4.62
C HIS A 165 -11.93 -13.73 -4.23
N PRO A 166 -11.46 -14.81 -4.89
CA PRO A 166 -11.98 -16.17 -4.68
C PRO A 166 -11.68 -16.81 -3.32
N GLY A 167 -10.71 -16.26 -2.57
CA GLY A 167 -10.27 -16.82 -1.28
C GLY A 167 -11.28 -16.60 -0.17
N LEU A 168 -11.72 -15.33 -0.01
CA LEU A 168 -12.55 -14.86 1.14
C LEU A 168 -13.68 -15.86 1.39
N THR A 169 -14.20 -15.91 2.63
CA THR A 169 -15.26 -16.86 3.06
C THR A 169 -16.60 -16.13 3.29
N SER A 170 -16.56 -14.86 3.71
CA SER A 170 -17.73 -14.10 4.24
C SER A 170 -18.08 -12.94 3.30
N THR A 171 -18.31 -13.25 2.02
CA THR A 171 -18.55 -12.27 0.93
C THR A 171 -19.60 -11.24 1.35
N SER A 172 -20.72 -11.68 1.95
CA SER A 172 -21.90 -10.82 2.26
C SER A 172 -21.47 -9.63 3.13
N GLN A 173 -20.76 -9.89 4.22
CA GLN A 173 -20.36 -8.84 5.19
C GLN A 173 -19.31 -7.91 4.55
N ILE A 174 -18.37 -8.45 3.78
CA ILE A 174 -17.28 -7.64 3.14
C ILE A 174 -17.93 -6.70 2.13
N GLU A 175 -18.92 -7.20 1.38
CA GLU A 175 -19.72 -6.44 0.39
C GLU A 175 -20.37 -5.24 1.07
N LYS A 176 -20.96 -5.40 2.26
CA LYS A 176 -21.64 -4.31 3.00
C LYS A 176 -20.61 -3.27 3.43
N PHE A 177 -19.43 -3.71 3.86
CA PHE A 177 -18.34 -2.77 4.26
C PHE A 177 -17.91 -1.96 3.03
N GLN A 178 -17.76 -2.62 1.88
CA GLN A 178 -17.38 -1.92 0.61
C GLN A 178 -18.47 -0.91 0.24
N GLU A 179 -19.75 -1.28 0.35
CA GLU A 179 -20.88 -0.35 0.05
C GLU A 179 -20.83 0.87 0.96
N LYS A 180 -20.55 0.72 2.27
CA LYS A 180 -20.40 1.87 3.20
C LYS A 180 -19.23 2.78 2.78
N ALA A 181 -18.09 2.22 2.36
CA ALA A 181 -16.95 3.04 1.90
C ALA A 181 -17.39 3.91 0.70
N GLN A 182 -18.07 3.33 -0.28
CA GLN A 182 -18.60 4.01 -1.49
C GLN A 182 -19.51 5.16 -1.06
N MET A 183 -20.43 4.90 -0.14
CA MET A 183 -21.43 5.92 0.30
C MET A 183 -20.74 7.08 1.03
N GLU A 184 -19.82 6.75 1.92
CA GLU A 184 -19.03 7.74 2.69
C GLU A 184 -18.13 8.53 1.74
N LEU A 185 -17.50 7.89 0.75
CA LEU A 185 -16.69 8.69 -0.23
C LEU A 185 -17.60 9.67 -1.01
N GLN A 186 -18.75 9.24 -1.50
CA GLN A 186 -19.68 10.15 -2.25
C GLN A 186 -20.09 11.34 -1.37
N ASP A 187 -20.52 11.09 -0.13
CA ASP A 187 -20.91 12.18 0.82
C ASP A 187 -19.76 13.16 0.99
N TYR A 188 -18.53 12.67 1.20
CA TYR A 188 -17.34 13.54 1.35
C TYR A 188 -17.11 14.35 0.07
N VAL A 189 -17.19 13.71 -1.11
CA VAL A 189 -16.86 14.44 -2.37
C VAL A 189 -17.95 15.49 -2.61
N GLN A 190 -19.21 15.17 -2.38
CA GLN A 190 -20.35 16.13 -2.55
C GLN A 190 -20.22 17.32 -1.59
N LYS A 191 -19.85 17.08 -0.33
CA LYS A 191 -19.68 18.15 0.69
C LYS A 191 -18.46 19.01 0.36
N THR A 192 -17.34 18.42 -0.07
CA THR A 192 -16.02 19.09 -0.15
C THR A 192 -15.78 19.69 -1.54
N TYR A 193 -16.37 19.13 -2.60
CA TYR A 193 -16.06 19.51 -4.00
C TYR A 193 -17.40 19.68 -4.74
N SER A 194 -18.30 20.48 -4.15
CA SER A 194 -19.72 20.63 -4.61
C SER A 194 -19.77 21.16 -6.04
N GLU A 195 -18.81 21.99 -6.45
CA GLU A 195 -18.77 22.64 -7.78
C GLU A 195 -18.20 21.68 -8.83
N ASP A 196 -17.55 20.58 -8.41
CA ASP A 196 -16.93 19.58 -9.31
C ASP A 196 -17.89 18.39 -9.37
N THR A 197 -18.93 18.55 -10.17
CA THR A 197 -20.11 17.65 -10.30
C THR A 197 -19.64 16.22 -10.58
N TYR A 198 -18.57 16.07 -11.33
CA TYR A 198 -18.19 14.76 -11.95
C TYR A 198 -17.00 14.13 -11.22
N ARG A 199 -16.58 14.69 -10.10
CA ARG A 199 -15.31 14.28 -9.44
C ARG A 199 -15.39 12.80 -8.99
N LEU A 200 -16.48 12.42 -8.34
CA LEU A 200 -16.60 11.06 -7.75
C LEU A 200 -16.41 10.02 -8.87
N ALA A 201 -17.11 10.19 -9.98
CA ALA A 201 -17.04 9.27 -11.14
C ALA A 201 -15.58 9.22 -11.63
N ARG A 202 -14.91 10.38 -11.71
CA ARG A 202 -13.51 10.46 -12.18
C ARG A 202 -12.60 9.63 -11.28
N ILE A 203 -12.79 9.75 -9.98
CA ILE A 203 -11.94 9.02 -8.99
C ILE A 203 -12.21 7.51 -9.09
N LEU A 204 -13.47 7.08 -9.10
CA LEU A 204 -13.76 5.63 -9.09
C LEU A 204 -13.26 4.93 -10.36
N VAL A 205 -13.22 5.64 -11.49
CA VAL A 205 -12.73 5.03 -12.77
C VAL A 205 -11.20 4.93 -12.77
N ARG A 206 -10.51 5.34 -11.71
CA ARG A 206 -9.05 5.05 -11.52
C ARG A 206 -8.79 3.66 -10.94
N LEU A 207 -9.78 3.10 -10.24
CA LEU A 207 -9.61 1.84 -9.47
C LEU A 207 -9.26 0.70 -10.39
N PRO A 208 -9.86 0.54 -11.60
CA PRO A 208 -9.51 -0.58 -12.46
C PRO A 208 -8.01 -0.60 -12.82
N ALA A 209 -7.36 0.56 -12.87
CA ALA A 209 -5.93 0.65 -13.24
C ALA A 209 -5.11 -0.19 -12.28
N LEU A 210 -5.52 -0.31 -11.01
CA LEU A 210 -4.72 -1.04 -9.99
C LEU A 210 -4.61 -2.52 -10.37
N ARG A 211 -5.67 -3.06 -10.99
CA ARG A 211 -5.71 -4.50 -11.31
C ARG A 211 -5.01 -4.81 -12.62
N LEU A 212 -4.53 -3.81 -13.34
CA LEU A 212 -3.71 -4.03 -14.55
C LEU A 212 -2.24 -4.24 -14.15
N MET A 213 -1.91 -4.05 -12.87
CA MET A 213 -0.52 -4.20 -12.37
C MET A 213 -0.40 -5.48 -11.55
N SER A 214 0.43 -6.41 -12.05
CA SER A 214 0.75 -7.72 -11.44
C SER A 214 1.43 -7.52 -10.07
N SER A 215 0.88 -8.12 -9.01
CA SER A 215 1.48 -8.24 -7.66
C SER A 215 2.86 -8.92 -7.76
N ASN A 216 3.00 -9.91 -8.66
CA ASN A 216 4.28 -10.65 -8.87
C ASN A 216 5.35 -9.65 -9.28
N ILE A 217 5.04 -8.70 -10.15
CA ILE A 217 6.06 -7.75 -10.67
C ILE A 217 6.33 -6.65 -9.62
N THR A 218 5.30 -6.21 -8.89
CA THR A 218 5.52 -5.26 -7.76
C THR A 218 6.54 -5.91 -6.83
N GLU A 219 6.31 -7.15 -6.45
CA GLU A 219 7.19 -7.93 -5.54
C GLU A 219 8.60 -7.95 -6.15
N GLU A 220 8.71 -8.22 -7.45
CA GLU A 220 10.03 -8.25 -8.15
C GLU A 220 10.69 -6.87 -8.07
N LEU A 221 9.96 -5.81 -8.38
CA LEU A 221 10.51 -4.43 -8.55
C LEU A 221 10.99 -3.85 -7.21
N PHE A 222 10.29 -4.09 -6.10
CA PHE A 222 10.55 -3.35 -4.83
C PHE A 222 11.06 -4.29 -3.72
N PHE A 223 10.91 -5.61 -3.82
CA PHE A 223 11.17 -6.57 -2.72
C PHE A 223 12.08 -7.71 -3.21
N THR A 224 11.57 -8.73 -3.92
CA THR A 224 12.32 -9.96 -4.34
C THR A 224 13.67 -9.53 -4.95
N GLY A 225 14.75 -10.11 -4.42
CA GLY A 225 16.10 -9.53 -4.37
C GLY A 225 16.64 -9.56 -2.95
N LEU A 226 15.86 -9.05 -1.99
CA LEU A 226 16.22 -9.00 -0.54
C LEU A 226 15.43 -10.06 0.23
N ASN A 229 14.42 -12.30 -2.33
CA ASN A 229 14.43 -13.22 -1.17
C ASN A 229 13.21 -12.99 -0.26
N VAL A 230 12.18 -12.25 -0.70
CA VAL A 230 11.00 -11.89 0.13
C VAL A 230 9.72 -12.32 -0.61
N SER A 231 8.96 -13.24 0.02
CA SER A 231 7.55 -13.54 -0.34
C SER A 231 6.62 -12.71 0.55
N ILE A 232 5.94 -11.74 -0.03
CA ILE A 232 5.00 -10.84 0.70
C ILE A 232 3.89 -11.68 1.30
N ASP A 233 3.37 -12.67 0.57
CA ASP A 233 2.26 -13.54 1.05
C ASP A 233 2.66 -14.14 2.40
N SER A 234 3.91 -14.59 2.54
CA SER A 234 4.40 -15.24 3.77
C SER A 234 4.60 -14.24 4.92
N ILE A 235 5.04 -13.02 4.66
CA ILE A 235 5.35 -12.07 5.79
C ILE A 235 4.09 -11.30 6.19
N ILE A 236 3.01 -11.31 5.40
CA ILE A 236 1.79 -10.50 5.72
C ILE A 236 1.30 -10.82 7.12
N PRO A 237 1.13 -12.10 7.53
CA PRO A 237 0.67 -12.41 8.88
C PRO A 237 1.57 -11.82 9.97
N TYR A 238 2.88 -11.78 9.74
CA TYR A 238 3.86 -11.21 10.69
C TYR A 238 3.61 -9.70 10.85
N ILE A 239 3.44 -9.01 9.74
CA ILE A 239 3.20 -7.52 9.74
C ILE A 239 1.88 -7.24 10.46
N LEU A 240 0.86 -8.04 10.19
CA LEU A 240 -0.48 -7.84 10.82
C LEU A 240 -0.40 -8.06 12.33
N LYS A 241 0.50 -8.89 12.84
CA LYS A 241 0.53 -9.20 14.29
C LYS A 241 1.60 -8.38 15.03
N MET A 242 2.48 -7.68 14.34
CA MET A 242 3.59 -7.00 15.05
C MET A 242 3.08 -5.87 15.97
N GLU A 243 3.78 -5.68 17.09
CA GLU A 243 3.59 -4.52 17.99
C GLU A 243 4.21 -3.33 17.25
N THR A 244 3.47 -2.24 17.09
CA THR A 244 3.89 -1.08 16.27
C THR A 244 4.66 -0.06 17.12
N ALA A 245 4.54 -0.07 18.46
CA ALA A 245 5.25 0.85 19.38
C ALA A 245 6.78 0.74 19.21
N GLU A 246 7.36 -0.45 19.34
CA GLU A 246 8.83 -0.59 19.19
C GLU A 246 9.23 -0.15 17.76
N TYR A 247 8.49 -0.60 16.76
CA TYR A 247 8.80 -0.29 15.33
C TYR A 247 8.77 1.23 15.14
N ASN A 248 7.68 1.87 15.54
CA ASN A 248 7.50 3.33 15.32
C ASN A 248 8.56 4.11 16.12
N GLY A 249 8.98 3.63 17.28
CA GLY A 249 10.02 4.29 18.08
C GLY A 249 11.35 4.28 17.35
N GLN A 250 11.68 3.14 16.73
CA GLN A 250 12.93 2.94 15.98
C GLN A 250 12.90 3.81 14.73
N ILE A 251 11.77 3.86 14.03
CA ILE A 251 11.60 4.73 12.82
C ILE A 251 11.78 6.20 13.22
N THR A 252 11.06 6.64 14.25
CA THR A 252 11.00 8.08 14.63
C THR A 252 12.31 8.47 15.33
N GLY A 253 12.94 7.56 16.08
CA GLY A 253 14.11 7.90 16.93
C GLY A 253 15.41 7.78 16.17
N ALA A 254 15.37 7.39 14.89
CA ALA A 254 16.56 7.31 14.00
C ALA A 254 17.04 8.72 13.61
N SER A 255 18.34 8.88 13.36
CA SER A 255 18.82 9.99 12.51
C SER A 255 18.33 9.76 11.08
N GLN B 1 19.47 11.54 8.12
CA GLN B 1 20.91 11.75 7.72
C GLN B 1 21.51 10.45 7.16
N GLN B 2 21.64 9.43 8.01
CA GLN B 2 22.12 8.05 7.63
C GLN B 2 20.96 7.06 7.77
N PRO B 3 20.72 6.13 6.81
CA PRO B 3 19.58 5.22 6.92
C PRO B 3 19.77 4.20 8.06
N THR B 4 18.72 3.97 8.84
CA THR B 4 18.60 2.78 9.68
C THR B 4 17.60 1.86 9.00
N TYR B 5 18.00 0.62 8.73
CA TYR B 5 17.20 -0.33 7.90
C TYR B 5 16.25 -1.07 8.84
N VAL B 6 15.37 -0.33 9.51
CA VAL B 6 14.43 -0.89 10.53
C VAL B 6 13.51 -1.92 9.85
N ALA B 7 12.80 -1.53 8.80
CA ALA B 7 11.82 -2.40 8.13
C ALA B 7 12.53 -3.65 7.56
N LEU B 8 13.71 -3.49 6.97
CA LEU B 8 14.50 -4.63 6.40
C LEU B 8 14.85 -5.60 7.53
N SER B 9 15.22 -5.09 8.69
CA SER B 9 15.60 -5.96 9.83
C SER B 9 14.38 -6.78 10.29
N TYR B 10 13.19 -6.18 10.36
CA TYR B 10 11.93 -6.91 10.69
C TYR B 10 11.67 -7.98 9.63
N ILE B 11 11.72 -7.62 8.36
CA ILE B 11 11.49 -8.56 7.23
C ILE B 11 12.49 -9.73 7.33
N ASN B 12 13.75 -9.45 7.65
CA ASN B 12 14.78 -10.52 7.76
C ASN B 12 14.32 -11.50 8.87
N ARG B 13 13.84 -11.00 10.01
CA ARG B 13 13.33 -11.81 11.16
C ARG B 13 12.12 -12.64 10.72
N PHE B 14 11.15 -12.02 10.05
CA PHE B 14 9.91 -12.67 9.53
C PHE B 14 10.25 -13.78 8.53
N MET B 15 11.11 -13.49 7.57
CA MET B 15 11.54 -14.49 6.54
C MET B 15 12.15 -15.69 7.24
N THR B 16 13.07 -15.43 8.17
CA THR B 16 13.84 -16.46 8.89
C THR B 16 12.86 -17.36 9.64
N ASP B 17 11.90 -16.77 10.34
CA ASP B 17 10.88 -17.51 11.11
C ASP B 17 10.02 -18.35 10.16
N ALA B 18 9.56 -17.82 9.03
CA ALA B 18 8.64 -18.52 8.10
C ALA B 18 9.35 -19.72 7.45
N ALA B 19 10.65 -19.62 7.15
CA ALA B 19 11.47 -20.69 6.52
C ALA B 19 11.65 -21.86 7.50
N ARG B 20 12.09 -21.57 8.74
CA ARG B 20 12.08 -22.56 9.86
C ARG B 20 10.72 -23.28 9.85
N ARG B 21 9.61 -22.53 10.00
CA ARG B 21 8.25 -23.08 10.28
C ARG B 21 7.74 -23.97 9.13
N GLU B 22 8.13 -23.68 7.89
CA GLU B 22 7.65 -24.40 6.68
C GLU B 22 8.85 -24.73 5.78
N GLN B 23 8.91 -25.98 5.34
CA GLN B 23 10.01 -26.54 4.51
C GLN B 23 11.28 -26.63 5.36
#